data_8CRH
#
_entry.id   8CRH
#
_cell.length_a   43.776
_cell.length_b   63.624
_cell.length_c   167.583
_cell.angle_alpha   90.00
_cell.angle_beta   90.00
_cell.angle_gamma   90.00
#
_symmetry.space_group_name_H-M   'P 21 21 21'
#
loop_
_entity.id
_entity.type
_entity.pdbx_description
1 polymer 'Dihydrofolate reductase'
2 non-polymer 5-(4-chlorophenyl)-6,6-dimethyl-1,4-dihydro-1,3,5-triazine-2,4-diamine
3 non-polymer 'NADPH DIHYDRO-NICOTINAMIDE-ADENINE-DINUCLEOTIDE PHOSPHATE'
4 non-polymer 'SULFATE ION'
5 water water
#
_entity_poly.entity_id   1
_entity_poly.type   'polypeptide(L)'
_entity_poly.pdbx_seq_one_letter_code
;GSHMMSTRPKISLIVAALQPSMGIGAKGSLPWRLKNEMKYFKDVTSKAKDGHINAVVMGRKTWELIPERFRPLAGRLNVI
LSRKNDDLIDSNGVYHFSSFDSVMKHLEKDSFRFKDMPLDKIFIIGGSQIYNLLILDSRVDNLLVTQVHFVGEDADKPQM
DTFLDWDLSKWKRLEHDKLEQYVGLDVPRGLNEEGSYNYEYTMWEKAQ
;
_entity_poly.pdbx_strand_id   B,A
#
# COMPACT_ATOMS: atom_id res chain seq x y z
N ARG A 8 8.53 17.43 -5.84
CA ARG A 8 8.90 17.33 -4.43
C ARG A 8 8.14 16.19 -3.76
N PRO A 9 8.66 15.69 -2.63
CA PRO A 9 7.88 14.73 -1.84
C PRO A 9 6.55 15.31 -1.38
N LYS A 10 5.56 14.43 -1.25
CA LYS A 10 4.29 14.82 -0.67
C LYS A 10 4.47 15.12 0.82
N ILE A 11 3.66 16.04 1.34
CA ILE A 11 3.76 16.49 2.72
C ILE A 11 2.44 16.20 3.42
N SER A 12 2.50 15.51 4.56
CA SER A 12 1.35 15.11 5.36
C SER A 12 1.44 15.71 6.75
N LEU A 13 0.31 16.11 7.32
CA LEU A 13 0.21 16.33 8.76
C LEU A 13 -0.36 15.04 9.36
N ILE A 14 0.38 14.38 10.25
CA ILE A 14 -0.08 13.14 10.86
C ILE A 14 -0.25 13.36 12.35
N VAL A 15 -1.44 13.02 12.87
CA VAL A 15 -1.88 13.39 14.20
C VAL A 15 -2.89 12.34 14.66
N ALA A 16 -3.01 12.19 15.98
CA ALA A 16 -4.11 11.46 16.61
C ALA A 16 -4.87 12.45 17.47
N ALA A 17 -6.17 12.60 17.24
CA ALA A 17 -6.93 13.66 17.90
C ALA A 17 -8.24 13.14 18.45
N LEU A 18 -8.58 13.54 19.67
CA LEU A 18 -9.82 13.12 20.28
C LEU A 18 -10.98 13.87 19.65
N GLN A 19 -12.03 13.15 19.30
CA GLN A 19 -13.22 13.76 18.73
C GLN A 19 -14.22 14.10 19.83
N PRO A 20 -14.96 15.22 19.71
CA PRO A 20 -14.90 16.25 18.67
C PRO A 20 -13.98 17.44 19.00
N SER A 21 -13.39 17.47 20.20
CA SER A 21 -12.63 18.66 20.65
C SER A 21 -11.33 18.86 19.88
N MET A 22 -10.82 17.82 19.22
CA MET A 22 -9.51 17.85 18.57
CA MET A 22 -9.51 17.86 18.57
C MET A 22 -8.38 18.01 19.60
N GLY A 23 -8.60 17.52 20.81
CA GLY A 23 -7.53 17.48 21.80
C GLY A 23 -6.45 16.48 21.41
N ILE A 24 -5.19 16.88 21.65
CA ILE A 24 -4.06 16.04 21.25
C ILE A 24 -3.08 15.77 22.41
N GLY A 25 -3.21 16.46 23.53
CA GLY A 25 -2.19 16.31 24.56
C GLY A 25 -2.67 16.77 25.91
N ALA A 26 -1.94 16.32 26.94
CA ALA A 26 -2.22 16.72 28.32
C ALA A 26 -0.92 16.62 29.11
N LYS A 27 -0.46 17.75 29.64
CA LYS A 27 0.72 17.80 30.51
C LYS A 27 1.94 17.14 29.86
N GLY A 28 2.16 17.44 28.58
CA GLY A 28 3.35 16.94 27.91
C GLY A 28 3.32 15.46 27.58
N SER A 29 2.13 14.89 27.43
CA SER A 29 2.02 13.51 26.99
C SER A 29 0.74 13.37 26.19
N LEU A 30 0.57 12.22 25.60
CA LEU A 30 -0.69 11.94 24.94
C LEU A 30 -1.75 11.63 26.00
N PRO A 31 -3.02 11.95 25.73
CA PRO A 31 -4.06 11.71 26.76
C PRO A 31 -4.49 10.26 26.88
N TRP A 32 -4.01 9.38 26.00
CA TRP A 32 -4.38 7.97 25.94
C TRP A 32 -3.10 7.17 25.69
N ARG A 33 -3.17 5.86 25.94
CA ARG A 33 -2.03 4.95 25.73
C ARG A 33 -2.49 3.85 24.79
N LEU A 34 -2.24 4.02 23.50
CA LEU A 34 -2.74 3.14 22.45
C LEU A 34 -1.56 2.53 21.71
N LYS A 35 -1.17 1.32 22.10
CA LYS A 35 0.03 0.71 21.55
C LYS A 35 -0.09 0.52 20.05
N ASN A 36 -1.25 0.06 19.56
CA ASN A 36 -1.38 -0.20 18.14
C ASN A 36 -1.41 1.09 17.33
N GLU A 37 -1.95 2.16 17.91
CA GLU A 37 -1.92 3.45 17.22
C GLU A 37 -0.48 3.96 17.10
N MET A 38 0.31 3.82 18.15
CA MET A 38 1.71 4.21 18.05
C MET A 38 2.45 3.37 17.02
N LYS A 39 2.09 2.09 16.89
CA LYS A 39 2.71 1.26 15.87
C LYS A 39 2.28 1.71 14.47
N TYR A 40 1.03 2.12 14.29
CA TYR A 40 0.63 2.70 13.01
C TYR A 40 1.48 3.92 12.66
N PHE A 41 1.66 4.84 13.61
CA PHE A 41 2.50 6.01 13.36
C PHE A 41 3.89 5.57 12.92
N LYS A 42 4.49 4.64 13.66
CA LYS A 42 5.82 4.18 13.32
C LYS A 42 5.86 3.52 11.94
N ASP A 43 4.88 2.67 11.65
CA ASP A 43 4.87 1.96 10.36
C ASP A 43 4.68 2.93 9.20
N VAL A 44 3.73 3.85 9.33
CA VAL A 44 3.47 4.83 8.28
C VAL A 44 4.69 5.72 8.05
N THR A 45 5.22 6.32 9.13
CA THR A 45 6.32 7.27 8.91
C THR A 45 7.60 6.57 8.48
N SER A 46 7.72 5.27 8.70
CA SER A 46 8.92 4.54 8.28
C SER A 46 8.80 3.88 6.91
N LYS A 47 7.61 3.81 6.33
CA LYS A 47 7.41 3.01 5.12
C LYS A 47 7.83 3.85 3.92
N ALA A 48 8.88 3.42 3.23
CA ALA A 48 9.35 4.16 2.08
C ALA A 48 9.73 3.20 0.96
N LYS A 49 9.71 3.72 -0.26
CA LYS A 49 10.20 2.96 -1.40
C LYS A 49 11.64 2.52 -1.18
N ASP A 50 12.03 1.43 -1.84
CA ASP A 50 13.37 0.89 -1.67
C ASP A 50 14.38 2.00 -1.95
N GLY A 51 15.40 2.11 -1.08
CA GLY A 51 16.41 3.11 -1.30
C GLY A 51 16.00 4.54 -1.00
N HIS A 52 14.79 4.76 -0.51
CA HIS A 52 14.29 6.08 -0.14
C HIS A 52 14.21 6.20 1.38
N ILE A 53 13.90 7.41 1.85
CA ILE A 53 13.72 7.65 3.29
C ILE A 53 12.63 8.71 3.44
N ASN A 54 11.91 8.66 4.56
CA ASN A 54 10.92 9.69 4.86
C ASN A 54 11.50 10.65 5.88
N ALA A 55 10.93 11.87 5.92
CA ALA A 55 11.28 12.83 6.95
C ALA A 55 10.14 12.96 7.96
N VAL A 56 10.51 13.27 9.19
CA VAL A 56 9.56 13.64 10.23
C VAL A 56 9.96 15.01 10.77
N VAL A 57 9.02 15.93 10.78
CA VAL A 57 9.25 17.32 11.13
C VAL A 57 8.45 17.62 12.38
N MET A 58 9.09 18.20 13.40
CA MET A 58 8.35 18.40 14.62
C MET A 58 8.79 19.72 15.26
N GLY A 59 7.96 20.22 16.17
CA GLY A 59 8.32 21.36 16.97
C GLY A 59 9.27 21.01 18.10
N ARG A 60 9.94 22.05 18.62
CA ARG A 60 10.97 21.83 19.62
C ARG A 60 10.41 21.14 20.87
N LYS A 61 9.19 21.51 21.27
CA LYS A 61 8.64 20.94 22.51
C LYS A 61 8.33 19.46 22.35
N THR A 62 7.85 19.04 21.17
CA THR A 62 7.59 17.63 20.93
C THR A 62 8.89 16.83 20.85
N TRP A 63 9.93 17.41 20.24
CA TRP A 63 11.27 16.80 20.27
C TRP A 63 11.69 16.50 21.70
N GLU A 64 11.49 17.46 22.61
CA GLU A 64 11.92 17.28 23.99
C GLU A 64 11.11 16.20 24.71
N LEU A 65 9.92 15.86 24.22
CA LEU A 65 9.13 14.80 24.85
C LEU A 65 9.57 13.41 24.43
N ILE A 66 10.35 13.29 23.37
CA ILE A 66 10.89 11.97 23.05
C ILE A 66 12.00 11.66 24.04
N PRO A 67 11.98 10.53 24.71
CA PRO A 67 13.10 10.20 25.62
C PRO A 67 14.41 10.27 24.85
N GLU A 68 15.42 10.85 25.50
CA GLU A 68 16.71 11.06 24.84
C GLU A 68 17.25 9.79 24.19
N ARG A 69 17.09 8.64 24.86
CA ARG A 69 17.62 7.38 24.31
C ARG A 69 17.02 7.02 22.96
N PHE A 70 15.85 7.58 22.61
CA PHE A 70 15.15 7.26 21.38
C PHE A 70 15.25 8.37 20.33
N ARG A 71 16.03 9.41 20.57
CA ARG A 71 16.27 10.52 19.65
C ARG A 71 17.58 10.28 18.92
N PRO A 72 17.64 10.49 17.59
CA PRO A 72 16.49 10.80 16.74
C PRO A 72 15.60 9.57 16.51
N LEU A 73 14.36 9.78 16.09
CA LEU A 73 13.49 8.65 15.78
C LEU A 73 14.13 7.83 14.66
N ALA A 74 14.35 6.54 14.91
CA ALA A 74 15.18 5.73 14.03
C ALA A 74 14.55 5.56 12.65
N GLY A 75 15.41 5.55 11.63
CA GLY A 75 15.01 5.21 10.29
C GLY A 75 14.37 6.31 9.50
N ARG A 76 14.30 7.52 10.04
CA ARG A 76 13.65 8.64 9.39
C ARG A 76 14.54 9.85 9.55
N LEU A 77 14.48 10.76 8.59
CA LEU A 77 15.19 12.03 8.67
CA LEU A 77 15.19 12.03 8.68
C LEU A 77 14.41 12.93 9.63
N ASN A 78 15.02 13.27 10.77
CA ASN A 78 14.39 14.12 11.80
C ASN A 78 14.71 15.60 11.54
N VAL A 79 13.67 16.44 11.53
CA VAL A 79 13.78 17.88 11.41
C VAL A 79 13.09 18.47 12.63
N ILE A 80 13.76 19.37 13.34
CA ILE A 80 13.17 20.05 14.50
C ILE A 80 13.12 21.54 14.20
N LEU A 81 11.98 22.15 14.45
CA LEU A 81 11.77 23.57 14.23
C LEU A 81 11.83 24.30 15.57
N SER A 82 12.75 25.26 15.66
CA SER A 82 12.82 26.17 16.79
C SER A 82 13.25 27.50 16.19
N ARG A 83 12.58 28.60 16.57
CA ARG A 83 12.97 29.92 16.07
C ARG A 83 14.42 30.24 16.35
N LYS A 84 15.03 29.47 17.22
CA LYS A 84 16.31 29.74 17.82
C LYS A 84 17.39 28.84 17.22
N ASN A 85 17.05 28.06 16.17
CA ASN A 85 17.99 27.14 15.50
C ASN A 85 18.78 27.88 14.43
N ASP A 86 19.96 27.36 14.14
CA ASP A 86 20.90 27.97 13.21
C ASP A 86 20.91 27.27 11.85
N ASP A 87 19.88 26.47 11.55
CA ASP A 87 19.81 25.72 10.29
C ASP A 87 21.03 24.84 10.09
N LEU A 88 21.30 23.98 11.07
CA LEU A 88 22.44 23.09 10.96
C LEU A 88 22.02 21.64 11.05
N ILE A 89 22.87 20.80 10.48
CA ILE A 89 22.73 19.34 10.51
C ILE A 89 23.79 18.81 11.47
N ASP A 90 23.34 18.08 12.49
CA ASP A 90 24.24 17.60 13.52
C ASP A 90 24.90 16.27 13.12
N SER A 91 25.68 15.70 14.05
CA SER A 91 26.48 14.51 13.78
C SER A 91 25.61 13.30 13.48
N ASN A 92 24.40 13.25 14.02
CA ASN A 92 23.46 12.15 13.76
C ASN A 92 22.61 12.40 12.52
N GLY A 93 22.85 13.48 11.79
CA GLY A 93 22.03 13.77 10.62
C GLY A 93 20.72 14.44 10.93
N VAL A 94 20.59 15.05 12.10
CA VAL A 94 19.37 15.70 12.53
C VAL A 94 19.39 17.15 12.06
N TYR A 95 18.29 17.60 11.48
CA TYR A 95 18.19 18.94 10.90
C TYR A 95 17.55 19.86 11.94
N HIS A 96 18.30 20.86 12.40
CA HIS A 96 17.83 21.80 13.41
C HIS A 96 17.61 23.12 12.69
N PHE A 97 16.36 23.40 12.31
CA PHE A 97 16.05 24.52 11.44
C PHE A 97 15.13 25.53 12.11
N SER A 98 15.21 26.77 11.61
CA SER A 98 14.47 27.88 12.20
C SER A 98 13.06 28.04 11.65
N SER A 99 12.72 27.38 10.53
CA SER A 99 11.40 27.52 9.94
C SER A 99 11.18 26.41 8.91
N PHE A 100 9.91 26.22 8.54
CA PHE A 100 9.58 25.20 7.54
C PHE A 100 10.08 25.60 6.16
N ASP A 101 9.67 26.78 5.70
CA ASP A 101 10.53 27.57 4.80
C ASP A 101 12.03 27.26 4.68
N SER A 102 12.84 27.51 5.71
CA SER A 102 14.27 27.31 5.53
C SER A 102 14.60 25.84 5.27
N VAL A 103 13.96 24.91 5.98
CA VAL A 103 14.34 23.51 5.76
C VAL A 103 13.88 23.02 4.39
N MET A 104 12.72 23.48 3.92
CA MET A 104 12.24 23.09 2.60
C MET A 104 13.17 23.63 1.52
N LYS A 105 13.68 24.85 1.70
CA LYS A 105 14.55 25.41 0.67
C LYS A 105 15.87 24.67 0.68
N HIS A 106 16.37 24.26 1.85
CA HIS A 106 17.60 23.48 1.95
C HIS A 106 17.43 22.08 1.36
N LEU A 107 16.33 21.40 1.70
CA LEU A 107 16.10 20.08 1.12
C LEU A 107 16.03 20.15 -0.40
N GLU A 108 15.35 21.17 -0.93
CA GLU A 108 15.26 21.30 -2.38
C GLU A 108 16.62 21.56 -3.01
N LYS A 109 17.47 22.39 -2.39
CA LYS A 109 18.79 22.63 -2.98
C LYS A 109 19.61 21.34 -3.00
N ASP A 110 19.33 20.41 -2.08
CA ASP A 110 19.92 19.08 -2.07
C ASP A 110 19.16 18.09 -2.94
N SER A 111 18.28 18.54 -3.82
CA SER A 111 17.52 17.66 -4.72
C SER A 111 16.64 16.68 -3.95
N PHE A 112 16.23 17.07 -2.74
CA PHE A 112 15.38 16.25 -1.89
C PHE A 112 15.98 14.87 -1.64
N ARG A 113 17.29 14.86 -1.41
CA ARG A 113 18.04 13.63 -1.13
C ARG A 113 18.75 13.79 0.20
N PHE A 114 18.84 12.69 0.93
CA PHE A 114 19.58 12.63 2.18
C PHE A 114 20.47 11.41 2.08
N LYS A 115 21.79 11.61 2.14
CA LYS A 115 22.76 10.52 1.99
C LYS A 115 22.46 9.67 0.77
N ASP A 116 22.22 10.33 -0.36
CA ASP A 116 21.91 9.69 -1.64
C ASP A 116 20.57 8.97 -1.67
N MET A 117 19.76 9.10 -0.61
CA MET A 117 18.42 8.51 -0.72
C MET A 117 17.38 9.57 -0.97
N PRO A 118 16.58 9.42 -2.03
CA PRO A 118 15.52 10.40 -2.28
C PRO A 118 14.51 10.35 -1.16
N LEU A 119 14.00 11.52 -0.80
CA LEU A 119 12.87 11.54 0.13
CA LEU A 119 12.89 11.51 0.14
C LEU A 119 11.61 11.01 -0.53
N ASP A 120 10.92 10.15 0.16
CA ASP A 120 9.63 9.63 -0.31
C ASP A 120 8.54 10.59 0.17
N LYS A 121 8.28 10.63 1.47
CA LYS A 121 7.26 11.49 2.04
C LYS A 121 7.85 12.32 3.18
N ILE A 122 7.23 13.48 3.41
CA ILE A 122 7.58 14.35 4.52
C ILE A 122 6.38 14.40 5.44
N PHE A 123 6.57 14.03 6.71
CA PHE A 123 5.50 13.98 7.68
C PHE A 123 5.72 15.06 8.74
N ILE A 124 4.70 15.89 8.98
CA ILE A 124 4.70 16.84 10.09
C ILE A 124 4.01 16.14 11.27
N ILE A 125 4.75 15.94 12.36
CA ILE A 125 4.31 15.01 13.41
C ILE A 125 3.90 15.72 14.70
N GLY A 126 3.78 17.05 14.69
CA GLY A 126 3.33 17.79 15.86
C GLY A 126 4.43 18.69 16.42
N GLY A 127 4.12 19.43 17.49
CA GLY A 127 2.84 19.43 18.19
C GLY A 127 1.90 20.52 17.71
N SER A 128 1.09 21.08 18.62
CA SER A 128 -0.03 21.92 18.21
C SER A 128 0.44 23.22 17.53
N GLN A 129 1.52 23.81 18.01
CA GLN A 129 1.97 25.07 17.39
C GLN A 129 2.38 24.85 15.94
N ILE A 130 3.10 23.76 15.67
CA ILE A 130 3.50 23.47 14.30
C ILE A 130 2.30 23.08 13.45
N TYR A 131 1.40 22.26 13.99
CA TYR A 131 0.21 21.84 13.24
C TYR A 131 -0.65 23.06 12.88
N ASN A 132 -0.84 23.97 13.83
CA ASN A 132 -1.78 25.05 13.60
C ASN A 132 -1.23 26.08 12.63
N LEU A 133 0.09 26.19 12.54
CA LEU A 133 0.68 27.04 11.50
C LEU A 133 0.70 26.32 10.15
N LEU A 134 1.17 25.07 10.12
CA LEU A 134 1.45 24.47 8.83
C LEU A 134 0.21 23.98 8.10
N ILE A 135 -0.94 23.87 8.77
CA ILE A 135 -2.14 23.52 8.03
C ILE A 135 -2.54 24.62 7.05
N LEU A 136 -2.01 25.83 7.21
CA LEU A 136 -2.25 26.92 6.26
C LEU A 136 -1.18 27.01 5.19
N ASP A 137 -0.16 26.15 5.23
CA ASP A 137 0.91 26.19 4.24
C ASP A 137 0.43 25.48 2.99
N SER A 138 0.52 26.17 1.84
CA SER A 138 -0.01 25.62 0.60
C SER A 138 0.68 24.33 0.18
N ARG A 139 1.87 24.05 0.71
CA ARG A 139 2.60 22.86 0.32
C ARG A 139 2.07 21.60 0.99
N VAL A 140 1.25 21.72 2.05
CA VAL A 140 0.71 20.53 2.70
C VAL A 140 -0.31 19.89 1.77
N ASP A 141 -0.13 18.59 1.50
CA ASP A 141 -0.96 17.87 0.55
C ASP A 141 -2.09 17.09 1.20
N ASN A 142 -1.90 16.60 2.42
CA ASN A 142 -2.94 15.77 3.01
C ASN A 142 -2.79 15.76 4.51
N LEU A 143 -3.87 15.30 5.18
CA LEU A 143 -3.90 15.08 6.62
C LEU A 143 -4.11 13.59 6.86
N LEU A 144 -3.33 13.03 7.78
CA LEU A 144 -3.51 11.67 8.24
C LEU A 144 -3.94 11.78 9.68
N VAL A 145 -5.26 11.68 9.93
CA VAL A 145 -5.85 11.91 11.24
C VAL A 145 -6.33 10.59 11.79
N THR A 146 -5.79 10.17 12.94
CA THR A 146 -6.41 9.09 13.69
C THR A 146 -7.48 9.74 14.54
N GLN A 147 -8.73 9.42 14.25
CA GLN A 147 -9.85 9.95 15.02
C GLN A 147 -10.07 9.05 16.22
N VAL A 148 -9.84 9.59 17.42
CA VAL A 148 -9.90 8.85 18.67
C VAL A 148 -11.20 9.19 19.37
N HIS A 149 -11.87 8.18 19.94
CA HIS A 149 -13.15 8.33 20.63
C HIS A 149 -13.04 7.74 22.02
N PHE A 150 -13.37 8.53 23.02
CA PHE A 150 -13.47 7.98 24.37
C PHE A 150 -14.80 7.23 24.51
N VAL A 151 -14.72 5.95 24.90
CA VAL A 151 -15.91 5.12 25.00
C VAL A 151 -16.11 4.54 26.41
N GLY A 152 -15.50 5.15 27.41
CA GLY A 152 -15.71 4.75 28.79
C GLY A 152 -16.83 5.54 29.46
N GLU A 153 -16.82 5.52 30.80
CA GLU A 153 -17.83 6.20 31.58
C GLU A 153 -17.51 7.69 31.69
N ASP A 154 -18.56 8.50 31.80
CA ASP A 154 -18.39 9.95 31.85
C ASP A 154 -17.44 10.37 32.97
N ALA A 155 -17.49 9.68 34.11
CA ALA A 155 -16.61 10.03 35.21
C ALA A 155 -15.13 9.86 34.86
N ASP A 156 -14.81 9.07 33.84
CA ASP A 156 -13.43 8.79 33.48
C ASP A 156 -12.99 9.50 32.20
N LYS A 157 -13.78 10.43 31.68
CA LYS A 157 -13.44 11.06 30.41
CA LYS A 157 -13.44 11.06 30.41
C LYS A 157 -12.14 11.85 30.54
N PRO A 158 -11.34 11.91 29.49
CA PRO A 158 -10.00 12.48 29.62
C PRO A 158 -10.01 14.00 29.68
N GLN A 159 -9.02 14.53 30.37
CA GLN A 159 -8.71 15.96 30.34
CA GLN A 159 -8.74 15.96 30.30
C GLN A 159 -7.60 16.19 29.32
N MET A 160 -7.68 17.31 28.61
CA MET A 160 -6.68 17.67 27.63
CA MET A 160 -6.69 17.68 27.61
C MET A 160 -6.36 19.15 27.77
N ASP A 161 -5.10 19.51 27.44
CA ASP A 161 -4.69 20.91 27.52
C ASP A 161 -4.20 21.51 26.21
N THR A 162 -4.11 20.72 25.14
CA THR A 162 -3.54 21.15 23.87
C THR A 162 -4.42 20.65 22.74
N PHE A 163 -4.77 21.55 21.81
CA PHE A 163 -5.81 21.30 20.83
C PHE A 163 -5.41 21.79 19.46
N LEU A 164 -5.88 21.09 18.44
CA LEU A 164 -5.82 21.59 17.07
C LEU A 164 -6.81 22.74 16.88
N ASP A 165 -6.40 23.71 16.05
CA ASP A 165 -7.26 24.78 15.57
C ASP A 165 -7.27 24.64 14.06
N TRP A 166 -8.06 23.68 13.57
CA TRP A 166 -8.10 23.36 12.14
C TRP A 166 -9.51 23.61 11.62
N ASP A 167 -9.60 24.24 10.46
CA ASP A 167 -10.88 24.39 9.77
C ASP A 167 -11.01 23.24 8.77
N LEU A 168 -11.69 22.16 9.18
CA LEU A 168 -11.82 21.00 8.31
C LEU A 168 -12.79 21.21 7.16
N SER A 169 -13.54 22.31 7.14
CA SER A 169 -14.35 22.61 5.97
C SER A 169 -13.49 22.84 4.74
N LYS A 170 -12.19 23.06 4.91
CA LYS A 170 -11.25 23.24 3.82
C LYS A 170 -10.70 21.91 3.32
N TRP A 171 -11.13 20.79 3.89
CA TRP A 171 -10.59 19.47 3.62
C TRP A 171 -11.72 18.50 3.35
N LYS A 172 -11.39 17.40 2.69
CA LYS A 172 -12.39 16.36 2.43
C LYS A 172 -11.78 15.00 2.70
N ARG A 173 -12.55 14.14 3.35
CA ARG A 173 -12.06 12.83 3.72
C ARG A 173 -12.09 11.88 2.51
N LEU A 174 -11.00 11.12 2.34
CA LEU A 174 -10.87 10.18 1.24
C LEU A 174 -11.33 8.78 1.63
N GLU A 175 -11.63 7.98 0.60
CA GLU A 175 -11.95 6.58 0.80
C GLU A 175 -10.72 5.85 1.35
N HIS A 176 -10.99 4.74 2.03
CA HIS A 176 -9.93 4.02 2.74
C HIS A 176 -8.82 3.57 1.81
N ASP A 177 -9.16 3.11 0.59
CA ASP A 177 -8.11 2.61 -0.29
C ASP A 177 -7.13 3.69 -0.68
N LYS A 178 -7.55 4.96 -0.68
CA LYS A 178 -6.62 6.04 -0.97
C LYS A 178 -5.64 6.24 0.18
N LEU A 179 -6.10 6.08 1.42
CA LEU A 179 -5.18 6.12 2.53
CA LEU A 179 -5.19 6.10 2.55
C LEU A 179 -4.14 5.01 2.40
N GLU A 180 -4.58 3.79 2.10
CA GLU A 180 -3.65 2.67 1.99
C GLU A 180 -2.65 2.90 0.87
N GLN A 181 -3.12 3.37 -0.28
CA GLN A 181 -2.21 3.61 -1.40
C GLN A 181 -1.15 4.64 -1.02
N TYR A 182 -1.54 5.71 -0.33
CA TYR A 182 -0.59 6.77 0.01
C TYR A 182 0.45 6.28 1.03
N VAL A 183 -0.02 5.63 2.10
CA VAL A 183 0.91 5.20 3.15
C VAL A 183 1.65 3.92 2.76
N GLY A 184 1.17 3.21 1.73
CA GLY A 184 1.86 2.03 1.24
C GLY A 184 1.66 0.78 2.06
N LEU A 185 0.59 0.70 2.87
CA LEU A 185 0.38 -0.39 3.81
C LEU A 185 -1.10 -0.77 3.83
N ASP A 186 -1.34 -2.03 4.14
CA ASP A 186 -2.69 -2.52 4.40
C ASP A 186 -3.06 -2.10 5.82
N VAL A 187 -4.11 -1.27 5.93
CA VAL A 187 -4.44 -0.57 7.16
C VAL A 187 -5.83 -1.03 7.60
N PRO A 188 -6.06 -1.32 8.89
CA PRO A 188 -7.41 -1.68 9.33
C PRO A 188 -8.41 -0.56 9.03
N ARG A 189 -9.59 -0.97 8.59
CA ARG A 189 -10.67 -0.05 8.24
C ARG A 189 -11.65 0.05 9.39
N GLY A 190 -12.19 1.24 9.61
CA GLY A 190 -13.20 1.41 10.65
C GLY A 190 -12.60 1.53 12.04
N LEU A 191 -13.45 1.28 13.03
CA LEU A 191 -13.07 1.52 14.42
C LEU A 191 -12.27 0.35 14.99
N ASN A 192 -11.11 0.68 15.56
CA ASN A 192 -10.28 -0.24 16.32
C ASN A 192 -10.51 0.01 17.80
N GLU A 193 -10.46 -1.05 18.62
CA GLU A 193 -10.67 -0.92 20.07
C GLU A 193 -9.39 -1.18 20.85
N GLU A 194 -9.06 -0.28 21.80
CA GLU A 194 -8.10 -0.60 22.87
C GLU A 194 -8.59 0.02 24.16
N GLY A 195 -8.98 -0.81 25.12
CA GLY A 195 -9.40 -0.29 26.41
C GLY A 195 -10.60 0.62 26.27
N SER A 196 -10.49 1.81 26.85
CA SER A 196 -11.59 2.77 26.89
C SER A 196 -11.61 3.68 25.67
N TYR A 197 -10.88 3.35 24.62
CA TYR A 197 -10.83 4.19 23.42
C TYR A 197 -11.05 3.35 22.19
N ASN A 198 -11.79 3.91 21.23
CA ASN A 198 -11.84 3.41 19.87
C ASN A 198 -11.15 4.43 18.98
N TYR A 199 -10.62 3.98 17.85
CA TYR A 199 -9.93 4.92 16.98
C TYR A 199 -9.96 4.42 15.54
N GLU A 200 -9.94 5.37 14.61
CA GLU A 200 -10.07 5.07 13.20
C GLU A 200 -9.06 5.88 12.41
N TYR A 201 -8.39 5.23 11.47
CA TYR A 201 -7.40 5.90 10.63
C TYR A 201 -8.07 6.54 9.42
N THR A 202 -7.76 7.82 9.18
CA THR A 202 -8.41 8.58 8.12
C THR A 202 -7.37 9.41 7.37
N MET A 203 -7.72 9.77 6.12
CA MET A 203 -6.91 10.63 5.28
C MET A 203 -7.78 11.65 4.59
N TRP A 204 -7.24 12.88 4.48
CA TRP A 204 -7.98 14.02 3.96
C TRP A 204 -7.13 14.77 2.94
N GLU A 205 -7.77 15.29 1.90
CA GLU A 205 -7.11 16.19 0.95
C GLU A 205 -7.90 17.49 0.89
N LYS A 206 -7.34 18.49 0.21
CA LYS A 206 -7.99 19.78 0.17
C LYS A 206 -9.34 19.70 -0.54
N ALA A 207 -10.33 20.36 0.03
CA ALA A 207 -11.64 20.48 -0.63
C ALA A 207 -11.56 21.65 -1.61
N GLN A 208 -11.86 21.38 -2.87
CA GLN A 208 -11.81 22.42 -3.88
C GLN A 208 -12.97 22.32 -4.86
N GLY B 1 -27.43 -12.48 -1.60
CA GLY B 1 -27.32 -11.71 -0.37
C GLY B 1 -26.40 -10.51 -0.51
N SER B 2 -26.10 -9.86 0.61
CA SER B 2 -25.22 -8.71 0.66
C SER B 2 -23.81 -9.06 1.09
N HIS B 3 -23.56 -10.29 1.52
CA HIS B 3 -22.25 -10.71 1.99
C HIS B 3 -21.63 -11.62 0.93
N MET B 4 -20.42 -11.27 0.49
CA MET B 4 -19.70 -11.99 -0.56
C MET B 4 -20.51 -12.01 -1.85
N MET B 5 -20.76 -10.84 -2.41
CA MET B 5 -21.71 -10.77 -3.51
C MET B 5 -21.11 -11.20 -4.84
N SER B 6 -21.97 -11.22 -5.86
CA SER B 6 -21.63 -11.66 -7.21
C SER B 6 -21.86 -10.54 -8.23
N THR B 7 -21.83 -9.28 -7.80
CA THR B 7 -22.15 -8.15 -8.66
C THR B 7 -21.01 -7.76 -9.59
N ARG B 8 -19.82 -8.32 -9.39
CA ARG B 8 -18.69 -8.10 -10.28
C ARG B 8 -17.84 -9.35 -10.28
N PRO B 9 -16.98 -9.54 -11.27
CA PRO B 9 -16.09 -10.70 -11.27
C PRO B 9 -15.17 -10.69 -10.06
N LYS B 10 -14.85 -11.88 -9.56
CA LYS B 10 -13.79 -12.01 -8.57
C LYS B 10 -12.45 -11.60 -9.18
N ILE B 11 -11.58 -11.07 -8.33
CA ILE B 11 -10.27 -10.56 -8.74
C ILE B 11 -9.19 -11.34 -8.01
N SER B 12 -8.26 -11.94 -8.77
CA SER B 12 -7.15 -12.71 -8.23
C SER B 12 -5.83 -12.05 -8.61
N LEU B 13 -4.86 -12.07 -7.69
CA LEU B 13 -3.47 -11.81 -8.04
C LEU B 13 -2.81 -13.19 -8.21
N ILE B 14 -2.30 -13.48 -9.40
CA ILE B 14 -1.69 -14.78 -9.69
C ILE B 14 -0.21 -14.57 -10.02
N VAL B 15 0.65 -15.30 -9.31
CA VAL B 15 2.09 -15.06 -9.34
C VAL B 15 2.79 -16.37 -8.98
N ALA B 16 4.05 -16.50 -9.40
CA ALA B 16 4.93 -17.58 -8.96
C ALA B 16 6.09 -16.92 -8.22
N ALA B 17 6.27 -17.27 -6.94
CA ALA B 17 7.18 -16.53 -6.07
C ALA B 17 8.16 -17.47 -5.42
N LEU B 18 9.45 -17.12 -5.46
CA LEU B 18 10.50 -17.94 -4.88
C LEU B 18 10.55 -17.75 -3.37
N GLN B 19 10.54 -18.84 -2.63
CA GLN B 19 10.56 -18.83 -1.17
C GLN B 19 12.00 -18.78 -0.69
N PRO B 20 12.31 -18.05 0.40
CA PRO B 20 11.38 -17.32 1.27
C PRO B 20 11.19 -15.84 0.95
N SER B 21 11.96 -15.32 -0.01
CA SER B 21 12.06 -13.89 -0.31
C SER B 21 10.88 -13.34 -1.08
N MET B 22 9.99 -14.20 -1.59
CA MET B 22 8.94 -13.78 -2.52
CA MET B 22 8.94 -13.78 -2.52
C MET B 22 9.55 -13.16 -3.77
N GLY B 23 10.70 -13.69 -4.19
CA GLY B 23 11.35 -13.19 -5.38
C GLY B 23 10.57 -13.60 -6.63
N ILE B 24 10.47 -12.66 -7.58
CA ILE B 24 9.66 -12.87 -8.78
C ILE B 24 10.40 -12.52 -10.06
N GLY B 25 11.57 -11.88 -9.98
CA GLY B 25 12.21 -11.40 -11.19
C GLY B 25 13.71 -11.27 -11.04
N ALA B 26 14.38 -11.28 -12.19
CA ALA B 26 15.84 -11.11 -12.27
C ALA B 26 16.17 -10.45 -13.60
N LYS B 27 16.85 -9.31 -13.54
CA LYS B 27 17.29 -8.59 -14.75
C LYS B 27 16.14 -8.40 -15.74
N GLY B 28 14.98 -8.07 -15.22
CA GLY B 28 13.84 -7.71 -16.04
C GLY B 28 12.99 -8.85 -16.55
N SER B 29 13.32 -10.10 -16.22
CA SER B 29 12.56 -11.24 -16.75
C SER B 29 12.39 -12.30 -15.68
N LEU B 30 11.78 -13.42 -16.07
CA LEU B 30 11.44 -14.48 -15.14
C LEU B 30 12.65 -15.38 -14.97
N PRO B 31 13.03 -15.73 -13.74
CA PRO B 31 14.33 -16.38 -13.52
C PRO B 31 14.35 -17.88 -13.76
N TRP B 32 13.21 -18.51 -14.02
CA TRP B 32 13.15 -19.94 -14.21
C TRP B 32 12.18 -20.25 -15.34
N ARG B 33 12.32 -21.41 -15.95
CA ARG B 33 11.37 -21.89 -16.95
C ARG B 33 10.78 -23.19 -16.42
N LEU B 34 9.57 -23.11 -15.87
CA LEU B 34 8.88 -24.26 -15.30
C LEU B 34 7.70 -24.56 -16.22
N LYS B 35 7.89 -25.58 -17.07
CA LYS B 35 6.94 -25.88 -18.13
C LYS B 35 5.53 -26.12 -17.59
N ASN B 36 5.40 -26.97 -16.58
CA ASN B 36 4.07 -27.32 -16.11
C ASN B 36 3.43 -26.17 -15.34
N GLU B 37 4.24 -25.35 -14.67
CA GLU B 37 3.72 -24.18 -13.99
C GLU B 37 3.11 -23.20 -15.00
N MET B 38 3.75 -23.05 -16.16
CA MET B 38 3.19 -22.21 -17.21
C MET B 38 1.90 -22.80 -17.78
N LYS B 39 1.80 -24.13 -17.84
CA LYS B 39 0.55 -24.78 -18.24
C LYS B 39 -0.56 -24.49 -17.22
N TYR B 40 -0.23 -24.58 -15.92
CA TYR B 40 -1.19 -24.22 -14.89
C TYR B 40 -1.66 -22.78 -15.06
N PHE B 41 -0.74 -21.86 -15.29
CA PHE B 41 -1.12 -20.47 -15.49
C PHE B 41 -2.13 -20.32 -16.62
N LYS B 42 -1.84 -20.94 -17.78
CA LYS B 42 -2.76 -20.86 -18.91
C LYS B 42 -4.10 -21.49 -18.57
N ASP B 43 -4.06 -22.66 -17.92
CA ASP B 43 -5.28 -23.41 -17.67
C ASP B 43 -6.18 -22.64 -16.70
N VAL B 44 -5.59 -22.12 -15.62
CA VAL B 44 -6.36 -21.36 -14.64
C VAL B 44 -6.91 -20.08 -15.24
N THR B 45 -6.04 -19.29 -15.88
CA THR B 45 -6.54 -17.99 -16.35
C THR B 45 -7.53 -18.14 -17.51
N SER B 46 -7.58 -19.30 -18.18
CA SER B 46 -8.52 -19.50 -19.27
C SER B 46 -9.81 -20.17 -18.86
N LYS B 47 -9.86 -20.82 -17.69
CA LYS B 47 -11.01 -21.63 -17.31
C LYS B 47 -12.14 -20.72 -16.82
N ALA B 48 -13.26 -20.74 -17.53
CA ALA B 48 -14.39 -19.90 -17.20
C ALA B 48 -15.67 -20.71 -17.30
N LYS B 49 -16.69 -20.26 -16.56
CA LYS B 49 -18.02 -20.84 -16.66
C LYS B 49 -18.49 -20.82 -18.11
N ASP B 50 -19.41 -21.73 -18.44
CA ASP B 50 -19.93 -21.81 -19.81
C ASP B 50 -20.40 -20.45 -20.29
N GLY B 51 -19.99 -20.09 -21.50
CA GLY B 51 -20.38 -18.84 -22.10
C GLY B 51 -19.74 -17.61 -21.51
N HIS B 52 -18.80 -17.77 -20.58
CA HIS B 52 -18.06 -16.67 -19.98
C HIS B 52 -16.63 -16.63 -20.51
N ILE B 53 -15.93 -15.56 -20.15
CA ILE B 53 -14.52 -15.39 -20.48
C ILE B 53 -13.86 -14.70 -19.31
N ASN B 54 -12.55 -14.88 -19.16
CA ASN B 54 -11.80 -14.21 -18.10
C ASN B 54 -10.96 -13.08 -18.67
N ALA B 55 -10.55 -12.16 -17.80
CA ALA B 55 -9.61 -11.11 -18.14
C ALA B 55 -8.25 -11.37 -17.49
N VAL B 56 -7.20 -10.95 -18.19
CA VAL B 56 -5.86 -10.87 -17.61
C VAL B 56 -5.40 -9.41 -17.71
N VAL B 57 -4.92 -8.88 -16.58
CA VAL B 57 -4.54 -7.49 -16.44
C VAL B 57 -3.07 -7.46 -16.06
N MET B 58 -2.31 -6.58 -16.72
CA MET B 58 -0.87 -6.57 -16.56
C MET B 58 -0.29 -5.19 -16.79
N GLY B 59 0.84 -4.93 -16.13
CA GLY B 59 1.60 -3.72 -16.40
C GLY B 59 2.26 -3.76 -17.77
N ARG B 60 2.65 -2.57 -18.25
CA ARG B 60 3.19 -2.43 -19.59
C ARG B 60 4.45 -3.26 -19.79
N LYS B 61 5.32 -3.33 -18.77
CA LYS B 61 6.57 -4.06 -18.94
C LYS B 61 6.32 -5.56 -19.05
N THR B 62 5.36 -6.09 -18.29
CA THR B 62 5.01 -7.50 -18.41
C THR B 62 4.43 -7.81 -19.78
N TRP B 63 3.59 -6.93 -20.31
CA TRP B 63 3.12 -7.09 -21.69
C TRP B 63 4.29 -7.19 -22.65
N GLU B 64 5.32 -6.36 -22.43
CA GLU B 64 6.45 -6.34 -23.35
C GLU B 64 7.34 -7.58 -23.22
N LEU B 65 7.21 -8.33 -22.12
CA LEU B 65 7.92 -9.59 -21.97
C LEU B 65 7.27 -10.73 -22.76
N ILE B 66 6.01 -10.60 -23.14
CA ILE B 66 5.33 -11.66 -23.88
C ILE B 66 5.81 -11.64 -25.33
N PRO B 67 6.35 -12.73 -25.85
CA PRO B 67 6.74 -12.75 -27.28
C PRO B 67 5.54 -12.40 -28.15
N GLU B 68 5.81 -11.62 -29.19
CA GLU B 68 4.73 -11.09 -30.03
C GLU B 68 3.83 -12.17 -30.59
N ARG B 69 4.38 -13.35 -30.92
CA ARG B 69 3.57 -14.46 -31.43
C ARG B 69 2.52 -14.93 -30.42
N PHE B 70 2.63 -14.57 -29.14
CA PHE B 70 1.65 -14.95 -28.11
C PHE B 70 0.58 -13.86 -27.87
N ARG B 71 0.71 -12.68 -28.47
CA ARG B 71 -0.13 -11.55 -28.07
C ARG B 71 -1.28 -11.32 -29.03
N PRO B 72 -2.51 -11.06 -28.52
CA PRO B 72 -2.88 -11.06 -27.10
C PRO B 72 -3.02 -12.48 -26.56
N LEU B 73 -2.83 -12.68 -25.26
CA LEU B 73 -2.93 -14.01 -24.68
C LEU B 73 -4.28 -14.64 -25.03
N ALA B 74 -4.24 -15.82 -25.63
CA ALA B 74 -5.40 -16.35 -26.33
C ALA B 74 -6.54 -16.69 -25.37
N GLY B 75 -7.76 -16.41 -25.82
CA GLY B 75 -8.95 -16.81 -25.10
C GLY B 75 -9.26 -16.00 -23.86
N ARG B 76 -8.58 -14.87 -23.65
CA ARG B 76 -8.78 -14.04 -22.48
C ARG B 76 -8.81 -12.57 -22.91
N LEU B 77 -9.56 -11.75 -22.18
CA LEU B 77 -9.53 -10.31 -22.39
C LEU B 77 -8.20 -9.81 -21.85
N ASN B 78 -7.37 -9.20 -22.68
CA ASN B 78 -6.08 -8.63 -22.26
C ASN B 78 -6.24 -7.14 -21.94
N VAL B 79 -5.80 -6.75 -20.73
CA VAL B 79 -5.78 -5.35 -20.31
C VAL B 79 -4.34 -4.99 -19.98
N ILE B 80 -3.86 -3.89 -20.55
CA ILE B 80 -2.51 -3.41 -20.27
C ILE B 80 -2.62 -2.06 -19.58
N LEU B 81 -1.85 -1.89 -18.50
CA LEU B 81 -1.87 -0.65 -17.71
C LEU B 81 -0.61 0.16 -18.02
N SER B 82 -0.81 1.39 -18.47
CA SER B 82 0.27 2.36 -18.68
C SER B 82 -0.33 3.73 -18.41
N ARG B 83 0.40 4.55 -17.67
CA ARG B 83 -0.16 5.81 -17.17
C ARG B 83 -0.57 6.74 -18.30
N LYS B 84 0.01 6.59 -19.49
CA LYS B 84 -0.29 7.46 -20.61
C LYS B 84 -1.32 6.86 -21.56
N ASN B 85 -1.83 5.67 -21.27
CA ASN B 85 -2.87 5.08 -22.11
C ASN B 85 -4.13 5.93 -22.09
N ASP B 86 -4.94 5.76 -23.14
CA ASP B 86 -6.12 6.59 -23.35
C ASP B 86 -7.42 5.81 -23.15
N ASP B 87 -7.39 4.74 -22.37
CA ASP B 87 -8.60 3.96 -22.05
C ASP B 87 -9.33 3.53 -23.32
N LEU B 88 -8.57 2.99 -24.26
CA LEU B 88 -9.11 2.60 -25.55
C LEU B 88 -8.95 1.10 -25.76
N ILE B 89 -9.79 0.56 -26.63
CA ILE B 89 -9.72 -0.82 -27.08
C ILE B 89 -9.22 -0.81 -28.52
N ASP B 90 -8.15 -1.53 -28.80
CA ASP B 90 -7.56 -1.49 -30.13
C ASP B 90 -8.24 -2.52 -31.04
N SER B 91 -7.76 -2.59 -32.29
CA SER B 91 -8.38 -3.44 -33.29
C SER B 91 -8.20 -4.93 -33.00
N ASN B 92 -7.24 -5.30 -32.16
CA ASN B 92 -7.05 -6.67 -31.74
C ASN B 92 -7.87 -7.02 -30.50
N GLY B 93 -8.70 -6.09 -30.02
CA GLY B 93 -9.48 -6.33 -28.82
C GLY B 93 -8.74 -6.12 -27.51
N VAL B 94 -7.55 -5.53 -27.55
CA VAL B 94 -6.74 -5.33 -26.35
C VAL B 94 -7.13 -4.00 -25.71
N TYR B 95 -7.28 -4.01 -24.40
CA TYR B 95 -7.67 -2.83 -23.64
C TYR B 95 -6.42 -2.13 -23.11
N HIS B 96 -6.24 -0.87 -23.48
CA HIS B 96 -5.10 -0.08 -23.05
C HIS B 96 -5.60 1.00 -22.11
N PHE B 97 -5.46 0.77 -20.82
CA PHE B 97 -6.05 1.66 -19.83
C PHE B 97 -4.98 2.30 -18.96
N SER B 98 -5.34 3.42 -18.34
CA SER B 98 -4.40 4.23 -17.59
C SER B 98 -4.34 3.90 -16.10
N SER B 99 -5.28 3.10 -15.60
CA SER B 99 -5.25 2.70 -14.19
C SER B 99 -6.17 1.50 -14.04
N PHE B 100 -5.96 0.75 -12.95
CA PHE B 100 -6.91 -0.30 -12.62
C PHE B 100 -8.29 0.28 -12.33
N ASP B 101 -8.35 1.42 -11.64
CA ASP B 101 -9.63 2.08 -11.39
C ASP B 101 -10.36 2.36 -12.69
N SER B 102 -9.65 2.86 -13.70
CA SER B 102 -10.29 3.25 -14.95
CA SER B 102 -10.30 3.25 -14.94
C SER B 102 -10.80 2.04 -15.73
N VAL B 103 -10.06 0.93 -15.71
CA VAL B 103 -10.54 -0.23 -16.45
C VAL B 103 -11.72 -0.88 -15.73
N MET B 104 -11.69 -0.89 -14.40
CA MET B 104 -12.83 -1.42 -13.63
C MET B 104 -14.10 -0.62 -13.89
N LYS B 105 -14.00 0.70 -14.00
CA LYS B 105 -15.17 1.51 -14.29
C LYS B 105 -15.68 1.25 -15.70
N HIS B 106 -14.78 1.12 -16.67
CA HIS B 106 -15.20 0.88 -18.06
C HIS B 106 -15.87 -0.48 -18.21
N LEU B 107 -15.32 -1.50 -17.56
CA LEU B 107 -15.94 -2.83 -17.61
C LEU B 107 -17.31 -2.82 -16.97
N GLU B 108 -17.48 -2.11 -15.85
CA GLU B 108 -18.78 -2.06 -15.20
C GLU B 108 -19.82 -1.38 -16.08
N LYS B 109 -19.44 -0.28 -16.76
CA LYS B 109 -20.36 0.37 -17.67
C LYS B 109 -20.77 -0.55 -18.81
N ASP B 110 -19.87 -1.43 -19.25
CA ASP B 110 -20.18 -2.44 -20.26
C ASP B 110 -20.79 -3.70 -19.66
N SER B 111 -21.26 -3.64 -18.41
CA SER B 111 -22.01 -4.73 -17.81
C SER B 111 -21.12 -5.95 -17.53
N PHE B 112 -19.82 -5.71 -17.40
CA PHE B 112 -18.81 -6.77 -17.28
C PHE B 112 -18.94 -7.80 -18.39
N ARG B 113 -19.10 -7.32 -19.61
CA ARG B 113 -19.19 -8.17 -20.79
C ARG B 113 -18.12 -7.78 -21.80
N PHE B 114 -17.66 -8.77 -22.57
CA PHE B 114 -16.61 -8.55 -23.58
C PHE B 114 -16.97 -9.35 -24.82
N LYS B 115 -17.36 -8.64 -25.87
CA LYS B 115 -17.84 -9.23 -27.13
C LYS B 115 -19.01 -10.18 -26.88
N ASP B 116 -19.99 -9.71 -26.12
CA ASP B 116 -21.22 -10.45 -25.80
C ASP B 116 -21.00 -11.68 -24.92
N MET B 117 -19.87 -11.76 -24.23
CA MET B 117 -19.66 -12.78 -23.22
C MET B 117 -19.49 -12.11 -21.87
N PRO B 118 -20.18 -12.57 -20.83
CA PRO B 118 -19.91 -12.05 -19.49
C PRO B 118 -18.55 -12.51 -19.00
N LEU B 119 -17.93 -11.65 -18.21
CA LEU B 119 -16.67 -11.99 -17.55
C LEU B 119 -16.93 -12.89 -16.36
N ASP B 120 -16.06 -13.89 -16.18
CA ASP B 120 -16.09 -14.76 -15.00
C ASP B 120 -15.13 -14.21 -13.94
N LYS B 121 -13.83 -14.31 -14.20
CA LYS B 121 -12.81 -13.88 -13.24
C LYS B 121 -11.88 -12.87 -13.90
N ILE B 122 -11.29 -12.01 -13.07
CA ILE B 122 -10.27 -11.05 -13.48
C ILE B 122 -8.97 -11.46 -12.79
N PHE B 123 -7.92 -11.71 -13.56
CA PHE B 123 -6.62 -12.10 -13.02
C PHE B 123 -5.61 -10.98 -13.25
N ILE B 124 -4.90 -10.61 -12.19
CA ILE B 124 -3.78 -9.66 -12.27
CA ILE B 124 -3.79 -9.67 -12.30
C ILE B 124 -2.51 -10.49 -12.38
N ILE B 125 -1.80 -10.35 -13.51
CA ILE B 125 -0.76 -11.31 -13.84
C ILE B 125 0.66 -10.73 -13.75
N GLY B 126 0.81 -9.52 -13.21
CA GLY B 126 2.12 -8.90 -13.03
C GLY B 126 2.17 -7.52 -13.65
N GLY B 127 3.32 -6.85 -13.49
CA GLY B 127 4.49 -7.34 -12.79
C GLY B 127 4.67 -6.70 -11.43
N SER B 128 5.93 -6.48 -11.04
CA SER B 128 6.25 -6.05 -9.67
C SER B 128 5.50 -4.78 -9.27
N GLN B 129 5.52 -3.75 -10.11
CA GLN B 129 4.87 -2.50 -9.73
C GLN B 129 3.38 -2.70 -9.56
N ILE B 130 2.75 -3.46 -10.46
CA ILE B 130 1.32 -3.69 -10.37
C ILE B 130 0.97 -4.52 -9.13
N TYR B 131 1.73 -5.60 -8.88
CA TYR B 131 1.49 -6.42 -7.69
C TYR B 131 1.62 -5.59 -6.41
N ASN B 132 2.62 -4.69 -6.36
CA ASN B 132 2.87 -3.97 -5.12
C ASN B 132 1.78 -2.96 -4.83
N LEU B 133 1.11 -2.46 -5.86
CA LEU B 133 -0.02 -1.58 -5.68
C LEU B 133 -1.29 -2.35 -5.35
N LEU B 134 -1.59 -3.39 -6.15
CA LEU B 134 -2.89 -4.02 -6.06
C LEU B 134 -3.06 -4.94 -4.85
N ILE B 135 -1.97 -5.35 -4.20
CA ILE B 135 -2.10 -6.10 -2.94
C ILE B 135 -2.84 -5.28 -1.89
N LEU B 136 -2.87 -3.95 -2.05
CA LEU B 136 -3.56 -3.06 -1.10
C LEU B 136 -4.99 -2.76 -1.50
N ASP B 137 -5.39 -3.07 -2.74
CA ASP B 137 -6.71 -2.73 -3.24
C ASP B 137 -7.74 -3.66 -2.61
N SER B 138 -8.70 -3.08 -1.88
CA SER B 138 -9.72 -3.87 -1.18
C SER B 138 -10.56 -4.74 -2.11
N ARG B 139 -10.58 -4.45 -3.42
CA ARG B 139 -11.35 -5.26 -4.35
C ARG B 139 -10.70 -6.62 -4.64
N VAL B 140 -9.41 -6.78 -4.36
CA VAL B 140 -8.77 -8.06 -4.64
C VAL B 140 -9.31 -9.11 -3.68
N ASP B 141 -9.79 -10.22 -4.24
CA ASP B 141 -10.47 -11.23 -3.46
C ASP B 141 -9.55 -12.35 -3.01
N ASN B 142 -8.52 -12.67 -3.77
CA ASN B 142 -7.67 -13.79 -3.39
C ASN B 142 -6.34 -13.69 -4.10
N LEU B 143 -5.37 -14.46 -3.60
CA LEU B 143 -4.05 -14.61 -4.19
C LEU B 143 -3.91 -16.06 -4.63
N LEU B 144 -3.40 -16.25 -5.83
CA LEU B 144 -3.04 -17.57 -6.34
C LEU B 144 -1.52 -17.56 -6.45
N VAL B 145 -0.84 -18.13 -5.46
CA VAL B 145 0.61 -18.06 -5.39
C VAL B 145 1.17 -19.46 -5.63
N THR B 146 2.00 -19.58 -6.65
CA THR B 146 2.80 -20.79 -6.79
C THR B 146 4.05 -20.57 -5.97
N GLN B 147 4.23 -21.37 -4.93
CA GLN B 147 5.40 -21.24 -4.07
C GLN B 147 6.52 -22.07 -4.67
N VAL B 148 7.60 -21.41 -5.09
CA VAL B 148 8.68 -22.01 -5.86
C VAL B 148 9.89 -22.18 -4.94
N HIS B 149 10.49 -23.36 -4.96
CA HIS B 149 11.62 -23.69 -4.11
C HIS B 149 12.76 -24.20 -4.98
N PHE B 150 13.94 -23.61 -4.83
CA PHE B 150 15.11 -24.11 -5.56
C PHE B 150 15.75 -25.25 -4.76
N VAL B 151 15.91 -26.40 -5.41
CA VAL B 151 16.43 -27.57 -4.70
C VAL B 151 17.64 -28.17 -5.42
N GLY B 152 18.25 -27.41 -6.33
CA GLY B 152 19.41 -27.86 -7.09
C GLY B 152 20.74 -27.53 -6.45
N GLU B 153 21.78 -27.53 -7.27
CA GLU B 153 23.13 -27.25 -6.81
C GLU B 153 23.32 -25.75 -6.61
N ASP B 154 24.17 -25.40 -5.64
CA ASP B 154 24.36 -23.99 -5.28
C ASP B 154 24.73 -23.14 -6.49
N ALA B 155 25.56 -23.67 -7.38
CA ALA B 155 25.97 -22.90 -8.56
C ALA B 155 24.81 -22.52 -9.45
N ASP B 156 23.69 -23.24 -9.37
CA ASP B 156 22.57 -23.03 -10.26
C ASP B 156 21.46 -22.18 -9.64
N LYS B 157 21.66 -21.64 -8.45
CA LYS B 157 20.60 -20.90 -7.78
C LYS B 157 20.23 -19.69 -8.63
N PRO B 158 18.95 -19.33 -8.70
CA PRO B 158 18.57 -18.11 -9.42
C PRO B 158 19.05 -16.86 -8.68
N GLN B 159 19.51 -15.88 -9.45
CA GLN B 159 20.04 -14.62 -8.95
C GLN B 159 18.93 -13.57 -9.02
N MET B 160 18.25 -13.35 -7.90
CA MET B 160 17.02 -12.55 -7.87
C MET B 160 17.27 -11.09 -7.54
N ASP B 161 16.49 -10.21 -8.17
CA ASP B 161 16.59 -8.80 -7.82
C ASP B 161 15.26 -8.09 -7.60
N THR B 162 14.13 -8.78 -7.77
CA THR B 162 12.81 -8.16 -7.71
C THR B 162 11.93 -9.05 -6.85
N PHE B 163 11.23 -8.42 -5.89
CA PHE B 163 10.54 -9.14 -4.82
C PHE B 163 9.17 -8.53 -4.57
N LEU B 164 8.21 -9.37 -4.22
CA LEU B 164 6.90 -8.88 -3.85
C LEU B 164 6.98 -8.13 -2.52
N ASP B 165 6.35 -6.96 -2.46
CA ASP B 165 6.17 -6.26 -1.17
C ASP B 165 4.76 -6.54 -0.66
N TRP B 166 4.60 -7.74 -0.12
CA TRP B 166 3.32 -8.24 0.33
C TRP B 166 3.41 -8.67 1.78
N ASP B 167 2.41 -8.31 2.58
CA ASP B 167 2.35 -8.74 3.98
C ASP B 167 1.37 -9.89 4.07
N LEU B 168 1.90 -11.12 4.04
CA LEU B 168 1.04 -12.30 4.05
C LEU B 168 0.32 -12.51 5.38
N SER B 169 0.71 -11.82 6.46
CA SER B 169 -0.04 -11.94 7.70
C SER B 169 -1.42 -11.32 7.58
N LYS B 170 -1.66 -10.51 6.54
CA LYS B 170 -2.97 -9.96 6.25
C LYS B 170 -3.85 -10.93 5.46
N TRP B 171 -3.33 -12.12 5.12
CA TRP B 171 -4.01 -13.10 4.28
C TRP B 171 -3.99 -14.44 5.00
N LYS B 172 -4.86 -15.36 4.56
CA LYS B 172 -4.90 -16.70 5.14
C LYS B 172 -4.89 -17.71 4.01
N ARG B 173 -4.06 -18.73 4.15
CA ARG B 173 -3.99 -19.77 3.13
C ARG B 173 -5.18 -20.72 3.27
N LEU B 174 -5.79 -21.06 2.14
CA LEU B 174 -6.96 -21.92 2.09
C LEU B 174 -6.56 -23.37 1.82
N GLU B 175 -7.50 -24.26 2.09
CA GLU B 175 -7.36 -25.68 1.78
C GLU B 175 -7.26 -25.89 0.27
N HIS B 176 -6.57 -26.96 -0.14
CA HIS B 176 -6.42 -27.29 -1.55
C HIS B 176 -7.77 -27.41 -2.26
N ASP B 177 -8.75 -28.04 -1.60
CA ASP B 177 -10.05 -28.22 -2.24
C ASP B 177 -10.68 -26.87 -2.58
N LYS B 178 -10.43 -25.84 -1.78
CA LYS B 178 -10.94 -24.50 -2.09
C LYS B 178 -10.25 -23.91 -3.30
N LEU B 179 -8.95 -24.15 -3.45
CA LEU B 179 -8.25 -23.74 -4.67
CA LEU B 179 -8.26 -23.74 -4.67
C LEU B 179 -8.92 -24.37 -5.90
N GLU B 180 -9.15 -25.68 -5.86
CA GLU B 180 -9.77 -26.37 -7.00
C GLU B 180 -11.16 -25.83 -7.27
N GLN B 181 -11.94 -25.60 -6.22
CA GLN B 181 -13.28 -25.06 -6.41
C GLN B 181 -13.23 -23.71 -7.12
N TYR B 182 -12.28 -22.86 -6.74
CA TYR B 182 -12.23 -21.52 -7.31
C TYR B 182 -11.75 -21.55 -8.75
N VAL B 183 -10.66 -22.26 -9.04
CA VAL B 183 -10.11 -22.23 -10.40
C VAL B 183 -10.86 -23.13 -11.35
N GLY B 184 -11.72 -24.01 -10.84
CA GLY B 184 -12.55 -24.83 -11.71
C GLY B 184 -11.86 -26.02 -12.33
N LEU B 185 -10.76 -26.49 -11.75
CA LEU B 185 -9.90 -27.50 -12.35
C LEU B 185 -9.36 -28.41 -11.25
N ASP B 186 -9.04 -29.64 -11.64
CA ASP B 186 -8.20 -30.48 -10.79
C ASP B 186 -6.77 -29.91 -10.81
N VAL B 187 -6.18 -29.76 -9.64
CA VAL B 187 -4.87 -29.14 -9.49
C VAL B 187 -3.95 -30.10 -8.73
N PRO B 188 -2.71 -30.29 -9.18
CA PRO B 188 -1.77 -31.12 -8.41
C PRO B 188 -1.63 -30.63 -6.97
N ARG B 189 -1.59 -31.59 -6.04
CA ARG B 189 -1.48 -31.33 -4.61
C ARG B 189 -0.05 -31.59 -4.16
N GLY B 190 0.43 -30.77 -3.22
CA GLY B 190 1.78 -30.98 -2.70
C GLY B 190 2.84 -30.42 -3.64
N LEU B 191 4.04 -30.96 -3.51
CA LEU B 191 5.19 -30.45 -4.26
C LEU B 191 5.28 -31.10 -5.63
N ASN B 192 5.36 -30.27 -6.65
CA ASN B 192 5.66 -30.70 -8.01
C ASN B 192 7.15 -30.53 -8.24
N GLU B 193 7.74 -31.40 -9.06
CA GLU B 193 9.19 -31.36 -9.31
C GLU B 193 9.44 -31.16 -10.78
N GLU B 194 10.30 -30.19 -11.11
CA GLU B 194 10.83 -30.05 -12.47
C GLU B 194 12.25 -29.53 -12.37
N GLY B 195 13.17 -30.23 -13.01
CA GLY B 195 14.56 -29.80 -13.01
C GLY B 195 15.04 -29.56 -11.61
N SER B 196 15.57 -28.36 -11.38
CA SER B 196 16.17 -28.01 -10.11
C SER B 196 15.18 -27.37 -9.14
N TYR B 197 13.87 -27.43 -9.41
CA TYR B 197 12.88 -26.74 -8.60
C TYR B 197 11.80 -27.69 -8.10
N ASN B 198 11.20 -27.33 -6.97
CA ASN B 198 9.95 -27.90 -6.47
C ASN B 198 8.98 -26.73 -6.36
N TYR B 199 7.68 -26.99 -6.52
CA TYR B 199 6.73 -25.89 -6.37
C TYR B 199 5.35 -26.41 -5.99
N GLU B 200 4.58 -25.53 -5.35
CA GLU B 200 3.29 -25.91 -4.80
C GLU B 200 2.27 -24.83 -5.12
N TYR B 201 1.10 -25.22 -5.60
CA TYR B 201 0.04 -24.28 -5.92
C TYR B 201 -0.77 -23.95 -4.67
N THR B 202 -0.96 -22.67 -4.39
CA THR B 202 -1.66 -22.23 -3.18
C THR B 202 -2.67 -21.13 -3.48
N MET B 203 -3.65 -20.98 -2.59
CA MET B 203 -4.64 -19.93 -2.66
C MET B 203 -4.83 -19.31 -1.28
N TRP B 204 -4.98 -17.98 -1.27
CA TRP B 204 -5.08 -17.19 -0.04
C TRP B 204 -6.28 -16.26 -0.15
N GLU B 205 -6.99 -16.07 0.95
CA GLU B 205 -8.02 -15.04 1.04
C GLU B 205 -7.69 -14.11 2.19
N LYS B 206 -8.43 -13.01 2.27
CA LYS B 206 -8.11 -12.00 3.29
C LYS B 206 -8.29 -12.55 4.69
N ALA B 207 -7.36 -12.19 5.57
CA ALA B 207 -7.42 -12.67 6.94
C ALA B 207 -8.54 -11.98 7.70
N GLN B 208 -9.17 -12.73 8.60
CA GLN B 208 -10.34 -12.29 9.38
C GLN B 208 -11.49 -11.85 8.48
#